data_3LIA
#
_entry.id   3LIA
#
_cell.length_a   46.525
_cell.length_b   98.494
_cell.length_c   71.040
_cell.angle_alpha   90.000
_cell.angle_beta   87.510
_cell.angle_gamma   90.000
#
_symmetry.space_group_name_H-M   'P 1 21 1'
#
loop_
_entity.id
_entity.type
_entity.pdbx_description
1 polymer 'Hypothetical sensory transduction histidine kinase'
2 non-polymer 2-[BIS-(2-HYDROXY-ETHYL)-AMINO]-2-HYDROXYMETHYL-PROPANE-1,3-DIOL
3 non-polymer 'SULFATE ION'
4 water water
#
_entity_poly.entity_id   1
_entity_poly.type   'polypeptide(L)'
_entity_poly.pdbx_seq_one_letter_code
;MEIGTVTSQEEKLAYEKSIEMAGNYANQFDAQMEANQAIARTLACTMAEYGSQDREEAMSIIKRILNENPQLIGVYLGYE
PDAFDGRDKNYINAPGHDSTGRFVPYCNKINGPVIIEPLVHYDSSDYYQLPKTTGKDTLTEPYFYEGIFMVSYDSPIFKN
GEFAGIAGVDVPLEYVDDVASSIRTFDTGYAFMVSNTGIFLSHPTQKNWIGEKSLSDFDVEEIKNAASDIREGIGGHVEI
KDPITGKTVIMFYEPVKTGDFSFVLVVPKEEMLAGVKDLRDRLLEHHHHHH
;
_entity_poly.pdbx_strand_id   A,B
#
# COMPACT_ATOMS: atom_id res chain seq x y z
N LYS A 12 8.44 30.90 -9.94
CA LYS A 12 7.02 30.46 -9.85
C LYS A 12 6.72 29.19 -10.64
N LEU A 13 7.30 29.11 -11.84
CA LEU A 13 7.28 27.89 -12.65
C LEU A 13 8.22 26.94 -11.92
N ALA A 14 9.21 27.56 -11.28
CA ALA A 14 10.24 26.85 -10.52
C ALA A 14 9.65 26.28 -9.24
N TYR A 15 8.88 27.08 -8.53
CA TYR A 15 8.27 26.63 -7.28
C TYR A 15 7.24 25.52 -7.55
N GLU A 16 6.32 25.76 -8.47
CA GLU A 16 5.26 24.80 -8.76
C GLU A 16 5.85 23.46 -9.13
N LYS A 17 6.92 23.47 -9.90
CA LYS A 17 7.47 22.21 -10.35
C LYS A 17 8.08 21.47 -9.14
N SER A 18 8.67 22.23 -8.23
CA SER A 18 9.27 21.69 -7.01
C SER A 18 8.14 21.19 -6.07
N ILE A 19 7.03 21.92 -5.97
CA ILE A 19 5.88 21.50 -5.17
C ILE A 19 5.39 20.12 -5.66
N GLU A 20 5.31 19.92 -6.98
CA GLU A 20 4.83 18.66 -7.53
C GLU A 20 5.81 17.55 -7.35
N MET A 21 7.10 17.85 -7.53
CA MET A 21 8.11 16.87 -7.36
C MET A 21 8.14 16.40 -5.90
N ALA A 22 7.96 17.31 -4.95
CA ALA A 22 7.98 16.91 -3.52
C ALA A 22 6.75 16.02 -3.22
N GLY A 23 5.59 16.50 -3.67
CA GLY A 23 4.35 15.68 -3.67
C GLY A 23 4.54 14.29 -4.30
N ASN A 24 5.11 14.23 -5.51
CA ASN A 24 5.41 12.98 -6.22
C ASN A 24 6.22 11.99 -5.32
N TYR A 25 7.36 12.47 -4.78
CA TYR A 25 8.19 11.62 -3.91
C TYR A 25 7.45 11.25 -2.60
N ALA A 26 6.71 12.20 -2.07
CA ALA A 26 5.98 11.90 -0.85
C ALA A 26 5.02 10.69 -1.07
N ASN A 27 4.36 10.69 -2.22
CA ASN A 27 3.44 9.61 -2.52
C ASN A 27 4.15 8.31 -2.92
N GLN A 28 5.30 8.42 -3.57
CA GLN A 28 6.20 7.27 -3.77
C GLN A 28 6.56 6.59 -2.46
N PHE A 29 7.02 7.35 -1.45
CA PHE A 29 7.21 6.73 -0.14
C PHE A 29 5.91 6.26 0.48
N ASP A 30 4.84 7.05 0.34
CA ASP A 30 3.57 6.62 0.91
C ASP A 30 3.10 5.24 0.43
N ALA A 31 3.28 4.92 -0.84
CA ALA A 31 2.75 3.68 -1.42
C ALA A 31 3.24 2.48 -0.57
N GLN A 32 4.56 2.39 -0.31
CA GLN A 32 5.02 1.19 0.41
C GLN A 32 4.54 1.19 1.86
N MET A 33 4.37 2.38 2.44
CA MET A 33 3.83 2.47 3.77
C MET A 33 2.37 1.98 3.86
N GLU A 34 1.56 2.27 2.83
CA GLU A 34 0.16 1.81 2.82
C GLU A 34 0.15 0.29 2.75
N ALA A 35 1.04 -0.28 1.95
CA ALA A 35 1.17 -1.74 1.86
C ALA A 35 1.56 -2.32 3.20
N ASN A 36 2.54 -1.71 3.87
CA ASN A 36 2.96 -2.24 5.18
C ASN A 36 1.84 -2.19 6.20
N GLN A 37 1.17 -1.03 6.22
CA GLN A 37 0.00 -0.86 7.09
C GLN A 37 -1.10 -1.94 6.79
N ALA A 38 -1.32 -2.24 5.50
CA ALA A 38 -2.31 -3.27 5.10
C ALA A 38 -1.90 -4.69 5.56
N ILE A 39 -0.58 -4.96 5.66
CA ILE A 39 -0.11 -6.28 6.12
C ILE A 39 -0.57 -6.45 7.58
N ALA A 40 -0.24 -5.50 8.44
CA ALA A 40 -0.59 -5.57 9.85
C ALA A 40 -2.11 -5.62 10.01
N ARG A 41 -2.80 -4.83 9.22
CA ARG A 41 -4.24 -4.79 9.35
C ARG A 41 -4.95 -6.08 8.95
N THR A 42 -4.47 -6.68 7.86
CA THR A 42 -5.05 -7.91 7.41
C THR A 42 -4.73 -9.05 8.42
N LEU A 43 -3.49 -9.02 8.99
CA LEU A 43 -3.16 -10.01 10.04
C LEU A 43 -4.10 -9.81 11.25
N ALA A 44 -4.36 -8.56 11.61
CA ALA A 44 -5.28 -8.28 12.69
C ALA A 44 -6.76 -8.76 12.45
N CYS A 45 -7.34 -8.47 11.25
CA CYS A 45 -8.66 -8.98 10.86
C CYS A 45 -8.70 -10.51 11.01
N THR A 46 -7.63 -11.14 10.49
CA THR A 46 -7.57 -12.60 10.41
C THR A 46 -7.57 -13.17 11.86
N MET A 47 -6.69 -12.61 12.70
CA MET A 47 -6.61 -13.10 14.08
C MET A 47 -7.89 -12.82 14.87
N ALA A 48 -8.60 -11.75 14.56
CA ALA A 48 -9.86 -11.48 15.20
C ALA A 48 -10.87 -12.61 14.96
N GLU A 49 -10.73 -13.38 13.83
CA GLU A 49 -11.62 -14.50 13.53
C GLU A 49 -11.02 -15.83 13.86
N TYR A 50 -9.79 -15.85 14.33
CA TYR A 50 -9.07 -17.07 14.49
C TYR A 50 -9.52 -17.76 15.80
N GLY A 51 -10.18 -18.89 15.69
CA GLY A 51 -10.77 -19.55 16.89
C GLY A 51 -10.00 -20.82 17.22
N SER A 52 -9.06 -21.20 16.35
CA SER A 52 -8.41 -22.49 16.49
C SER A 52 -7.37 -22.49 17.65
N GLN A 53 -6.99 -21.33 18.17
CA GLN A 53 -6.17 -21.30 19.39
CA GLN A 53 -6.13 -21.26 19.38
C GLN A 53 -4.85 -22.06 19.32
N ASP A 54 -4.20 -22.07 18.16
CA ASP A 54 -3.02 -22.89 18.02
C ASP A 54 -1.88 -21.88 18.02
N ARG A 55 -1.14 -21.81 19.11
CA ARG A 55 -0.05 -20.83 19.23
C ARG A 55 1.03 -21.12 18.24
N GLU A 56 1.32 -22.41 18.02
CA GLU A 56 2.45 -22.74 17.18
C GLU A 56 2.08 -22.34 15.73
N GLU A 57 0.80 -22.49 15.41
CA GLU A 57 0.30 -22.22 14.05
C GLU A 57 0.36 -20.67 13.84
N ALA A 58 -0.08 -19.91 14.83
CA ALA A 58 0.00 -18.42 14.78
C ALA A 58 1.43 -17.93 14.69
N MET A 59 2.37 -18.60 15.36
CA MET A 59 3.77 -18.25 15.21
C MET A 59 4.26 -18.63 13.86
N SER A 60 3.80 -19.74 13.29
CA SER A 60 4.22 -20.04 11.90
C SER A 60 3.69 -19.02 10.87
N ILE A 61 2.44 -18.58 11.08
CA ILE A 61 1.82 -17.53 10.19
C ILE A 61 2.65 -16.22 10.24
N ILE A 62 3.04 -15.77 11.44
CA ILE A 62 3.81 -14.49 11.50
C ILE A 62 5.22 -14.66 10.89
N LYS A 63 5.81 -15.86 11.08
CA LYS A 63 7.10 -16.10 10.57
C LYS A 63 7.05 -16.13 9.01
N ARG A 64 6.02 -16.73 8.44
CA ARG A 64 5.84 -16.75 6.96
C ARG A 64 5.64 -15.31 6.42
N ILE A 65 4.78 -14.53 7.07
CA ILE A 65 4.59 -13.13 6.61
C ILE A 65 5.94 -12.38 6.68
N LEU A 66 6.71 -12.60 7.74
CA LEU A 66 8.07 -11.96 7.80
C LEU A 66 8.93 -12.40 6.60
N ASN A 67 9.04 -13.72 6.39
CA ASN A 67 9.94 -14.22 5.39
C ASN A 67 9.49 -13.83 3.98
N GLU A 68 8.19 -13.63 3.77
CA GLU A 68 7.66 -13.22 2.44
C GLU A 68 7.77 -11.69 2.20
N ASN A 69 8.12 -10.92 3.25
CA ASN A 69 8.22 -9.49 3.10
C ASN A 69 9.59 -9.00 3.53
N PRO A 70 10.56 -8.95 2.58
CA PRO A 70 11.92 -8.63 2.97
C PRO A 70 12.04 -7.21 3.53
N GLN A 71 11.05 -6.37 3.29
CA GLN A 71 11.08 -4.95 3.76
C GLN A 71 10.66 -4.85 5.21
N LEU A 72 10.29 -6.00 5.79
CA LEU A 72 9.97 -5.99 7.26
C LEU A 72 11.09 -6.63 8.04
N ILE A 73 11.21 -6.30 9.33
CA ILE A 73 12.20 -6.96 10.15
C ILE A 73 11.58 -7.69 11.34
N GLY A 74 10.31 -7.44 11.58
CA GLY A 74 9.58 -8.12 12.64
C GLY A 74 8.07 -8.14 12.33
N VAL A 75 7.41 -9.23 12.69
CA VAL A 75 5.95 -9.40 12.56
C VAL A 75 5.52 -10.01 13.91
N TYR A 76 4.47 -9.50 14.52
CA TYR A 76 4.24 -9.92 15.90
C TYR A 76 2.77 -9.85 16.25
N LEU A 77 2.39 -10.56 17.29
CA LEU A 77 1.03 -10.44 17.85
C LEU A 77 1.28 -10.26 19.29
N GLY A 78 0.39 -9.52 19.98
CA GLY A 78 0.49 -9.42 21.45
C GLY A 78 -0.95 -9.39 21.92
N TYR A 79 -1.25 -10.24 22.88
CA TYR A 79 -2.65 -10.39 23.35
C TYR A 79 -2.80 -9.99 24.80
N GLU A 80 -4.02 -9.55 25.15
CA GLU A 80 -4.47 -9.41 26.56
C GLU A 80 -4.39 -10.73 27.35
N PRO A 81 -4.32 -10.65 28.71
CA PRO A 81 -4.27 -11.85 29.50
C PRO A 81 -5.39 -12.75 29.03
N ASP A 82 -5.01 -14.00 28.76
CA ASP A 82 -5.90 -15.09 28.36
C ASP A 82 -6.74 -14.84 27.11
N ALA A 83 -6.47 -13.78 26.36
CA ALA A 83 -7.36 -13.44 25.24
C ALA A 83 -7.11 -14.19 23.92
N PHE A 84 -6.03 -14.95 23.82
CA PHE A 84 -5.82 -15.74 22.60
C PHE A 84 -6.44 -17.13 22.66
N ASP A 85 -6.24 -17.81 23.78
CA ASP A 85 -6.76 -19.16 23.93
C ASP A 85 -7.13 -19.51 25.38
N GLY A 86 -7.22 -18.53 26.27
CA GLY A 86 -7.67 -18.92 27.63
C GLY A 86 -6.63 -19.71 28.43
N ARG A 87 -5.41 -19.86 27.88
CA ARG A 87 -4.38 -20.76 28.49
C ARG A 87 -2.96 -20.22 28.76
N ASP A 88 -2.84 -18.94 29.11
CA ASP A 88 -1.54 -18.34 29.43
C ASP A 88 -0.82 -19.16 30.47
N LYS A 89 -1.57 -19.69 31.44
CA LYS A 89 -0.90 -20.46 32.53
C LYS A 89 -0.10 -21.62 32.01
N ASN A 90 -0.45 -22.14 30.84
CA ASN A 90 0.30 -23.25 30.25
C ASN A 90 1.57 -22.86 29.46
N TYR A 91 1.80 -21.56 29.29
CA TYR A 91 2.91 -21.08 28.45
C TYR A 91 3.90 -20.16 29.22
N ILE A 92 3.83 -20.17 30.55
CA ILE A 92 4.74 -19.33 31.35
C ILE A 92 6.20 -19.72 31.00
N ASN A 93 6.99 -18.77 30.54
CA ASN A 93 8.39 -19.10 30.20
C ASN A 93 8.60 -20.22 29.18
N ALA A 94 7.65 -20.41 28.28
CA ALA A 94 7.86 -21.31 27.14
C ALA A 94 8.65 -20.61 26.07
N PRO A 95 9.15 -21.33 25.10
CA PRO A 95 9.78 -20.66 24.00
C PRO A 95 8.88 -19.53 23.41
N GLY A 96 9.48 -18.36 23.13
CA GLY A 96 8.76 -17.17 22.62
C GLY A 96 7.85 -16.44 23.62
N HIS A 97 7.86 -16.87 24.87
CA HIS A 97 7.00 -16.31 25.95
C HIS A 97 7.88 -15.80 27.10
N ASP A 98 7.25 -15.01 27.96
CA ASP A 98 7.88 -14.49 29.18
C ASP A 98 7.15 -15.09 30.34
N SER A 99 7.37 -14.49 31.53
CA SER A 99 6.85 -15.08 32.73
C SER A 99 5.34 -14.92 32.86
N THR A 100 4.71 -14.09 32.02
CA THR A 100 3.22 -14.05 32.09
C THR A 100 2.53 -15.23 31.32
N GLY A 101 3.21 -15.83 30.35
CA GLY A 101 2.47 -16.75 29.48
C GLY A 101 1.50 -16.05 28.49
N ARG A 102 1.41 -14.75 28.48
CA ARG A 102 0.58 -14.14 27.47
C ARG A 102 1.17 -14.48 26.07
N PHE A 103 0.32 -14.42 25.06
CA PHE A 103 0.75 -14.74 23.70
C PHE A 103 1.27 -13.45 23.12
N VAL A 104 2.59 -13.28 23.11
CA VAL A 104 3.16 -12.00 22.70
C VAL A 104 4.40 -12.25 21.82
N PRO A 105 4.29 -13.12 20.84
CA PRO A 105 5.47 -13.53 20.05
C PRO A 105 5.93 -12.42 19.10
N TYR A 106 7.21 -12.11 19.15
CA TYR A 106 7.75 -11.11 18.29
C TYR A 106 8.67 -11.89 17.42
N CYS A 107 8.22 -12.11 16.19
CA CYS A 107 9.05 -12.87 15.28
C CYS A 107 9.93 -11.89 14.47
N ASN A 108 11.27 -12.07 14.47
CA ASN A 108 12.07 -10.97 13.96
C ASN A 108 13.43 -11.44 13.49
N LYS A 109 14.10 -10.59 12.73
CA LYS A 109 15.46 -10.92 12.37
C LYS A 109 16.35 -9.69 12.72
N ILE A 110 16.04 -9.01 13.82
CA ILE A 110 16.82 -7.82 14.26
C ILE A 110 18.32 -8.14 14.32
N ASN A 111 18.67 -9.37 14.69
CA ASN A 111 20.07 -9.69 14.92
C ASN A 111 20.61 -10.59 13.85
N GLY A 112 19.90 -10.77 12.74
CA GLY A 112 20.38 -11.59 11.63
C GLY A 112 19.44 -12.74 11.38
N PRO A 113 19.53 -13.80 12.17
CA PRO A 113 18.66 -14.98 11.99
C PRO A 113 17.18 -14.70 12.44
N VAL A 114 16.22 -15.44 11.90
CA VAL A 114 14.85 -15.22 12.34
C VAL A 114 14.63 -15.91 13.67
N ILE A 115 14.20 -15.20 14.71
CA ILE A 115 13.84 -15.93 15.92
C ILE A 115 12.51 -15.38 16.43
N ILE A 116 11.90 -16.07 17.36
CA ILE A 116 10.71 -15.50 18.06
C ILE A 116 11.00 -15.41 19.56
N GLU A 117 10.89 -14.21 20.11
CA GLU A 117 11.07 -13.98 21.53
C GLU A 117 9.86 -13.10 21.91
N PRO A 118 9.59 -12.97 23.21
CA PRO A 118 8.44 -12.20 23.63
C PRO A 118 8.64 -10.72 23.40
N LEU A 119 7.57 -10.04 23.01
CA LEU A 119 7.48 -8.59 23.08
C LEU A 119 7.74 -8.13 24.51
N VAL A 120 8.12 -6.87 24.61
CA VAL A 120 8.39 -6.27 25.92
C VAL A 120 7.68 -4.93 25.97
N HIS A 121 7.37 -4.48 27.18
CA HIS A 121 6.73 -3.16 27.38
C HIS A 121 5.34 -3.03 26.78
N TYR A 122 4.66 -4.15 26.53
CA TYR A 122 3.34 -4.04 25.95
C TYR A 122 2.37 -3.37 26.98
N ASP A 123 2.66 -3.45 28.28
CA ASP A 123 1.77 -2.79 29.24
C ASP A 123 1.97 -1.28 29.26
N SER A 124 2.94 -0.73 28.54
CA SER A 124 3.18 0.71 28.67
C SER A 124 3.54 1.39 27.37
N SER A 125 4.03 0.65 26.40
CA SER A 125 4.51 1.30 25.20
C SER A 125 3.41 1.55 24.14
N ASP A 126 3.55 2.63 23.38
CA ASP A 126 2.56 3.10 22.41
C ASP A 126 2.16 2.04 21.40
N TYR A 127 3.11 1.22 20.96
CA TYR A 127 2.79 0.33 19.88
C TYR A 127 1.61 -0.56 20.23
N TYR A 128 1.46 -0.84 21.52
CA TYR A 128 0.37 -1.68 22.06
C TYR A 128 -0.71 -0.80 22.67
N GLN A 129 -0.29 0.13 23.51
CA GLN A 129 -1.25 0.95 24.29
C GLN A 129 -2.10 1.94 23.44
N LEU A 130 -1.57 2.52 22.37
CA LEU A 130 -2.37 3.39 21.52
C LEU A 130 -3.50 2.63 20.82
N PRO A 131 -3.16 1.50 20.15
CA PRO A 131 -4.27 0.65 19.68
C PRO A 131 -5.26 0.27 20.76
N LYS A 132 -4.77 -0.02 21.96
CA LYS A 132 -5.65 -0.43 23.01
C LYS A 132 -6.64 0.67 23.47
N THR A 133 -6.14 1.91 23.58
CA THR A 133 -6.94 2.95 24.17
C THR A 133 -7.66 3.73 23.09
N THR A 134 -7.06 3.86 21.92
CA THR A 134 -7.72 4.54 20.85
C THR A 134 -8.64 3.66 19.98
N GLY A 135 -8.38 2.35 19.94
CA GLY A 135 -9.14 1.50 19.06
C GLY A 135 -8.71 1.67 17.64
N LYS A 136 -7.67 2.49 17.41
CA LYS A 136 -7.23 2.77 16.05
C LYS A 136 -5.85 2.13 15.63
N ASP A 137 -5.65 1.91 14.34
CA ASP A 137 -4.35 1.58 13.72
C ASP A 137 -3.35 2.66 14.03
N THR A 138 -2.09 2.28 14.23
CA THR A 138 -1.09 3.28 14.56
C THR A 138 0.30 3.01 13.95
N LEU A 139 1.09 4.10 13.89
CA LEU A 139 2.40 4.11 13.32
C LEU A 139 3.21 4.88 14.30
N THR A 140 4.22 4.24 14.86
CA THR A 140 4.99 4.94 15.84
C THR A 140 5.86 5.99 15.19
N GLU A 141 6.37 6.90 16.01
CA GLU A 141 7.50 7.73 15.52
C GLU A 141 8.74 6.78 15.35
N PRO A 142 9.75 7.16 14.52
CA PRO A 142 10.95 6.35 14.29
C PRO A 142 11.83 6.21 15.52
N TYR A 143 12.48 5.08 15.64
CA TYR A 143 13.35 4.85 16.78
C TYR A 143 14.43 3.85 16.41
N PHE A 144 15.47 3.79 17.25
CA PHE A 144 16.50 2.78 17.16
C PHE A 144 16.17 1.68 18.19
N TYR A 145 16.30 0.44 17.75
CA TYR A 145 16.19 -0.70 18.65
C TYR A 145 17.30 -1.70 18.28
N GLU A 146 18.16 -2.04 19.23
CA GLU A 146 19.22 -3.01 18.92
C GLU A 146 19.97 -2.62 17.68
N GLY A 147 20.22 -1.30 17.51
CA GLY A 147 21.03 -0.88 16.37
C GLY A 147 20.21 -0.68 15.10
N ILE A 148 18.91 -0.97 15.13
CA ILE A 148 18.18 -0.89 13.85
C ILE A 148 17.23 0.31 13.90
N PHE A 149 17.29 1.17 12.91
CA PHE A 149 16.43 2.37 12.83
C PHE A 149 15.11 1.96 12.15
N MET A 150 13.99 2.23 12.80
CA MET A 150 12.75 1.66 12.28
C MET A 150 11.49 2.37 12.78
N VAL A 151 10.36 1.95 12.24
CA VAL A 151 9.09 2.31 12.82
C VAL A 151 8.24 1.05 12.87
N SER A 152 7.15 1.18 13.62
CA SER A 152 6.32 0.06 13.90
C SER A 152 4.88 0.41 13.52
N TYR A 153 4.21 -0.47 12.79
CA TYR A 153 2.76 -0.27 12.42
C TYR A 153 1.92 -1.26 13.21
N ASP A 154 0.90 -0.83 13.92
CA ASP A 154 0.18 -1.76 14.72
C ASP A 154 -1.34 -1.58 14.53
N SER A 155 -2.08 -2.70 14.59
CA SER A 155 -3.57 -2.69 14.40
C SER A 155 -4.21 -3.51 15.47
N PRO A 156 -5.29 -2.99 16.02
CA PRO A 156 -5.95 -3.68 17.10
C PRO A 156 -6.71 -4.94 16.60
N ILE A 157 -6.71 -5.99 17.43
CA ILE A 157 -7.46 -7.16 17.15
C ILE A 157 -8.72 -7.09 18.05
N PHE A 158 -9.89 -7.05 17.42
CA PHE A 158 -11.18 -6.96 18.20
C PHE A 158 -11.87 -8.29 18.07
N LYS A 159 -12.11 -8.92 19.22
CA LYS A 159 -12.87 -10.19 19.34
C LYS A 159 -14.20 -9.94 20.06
N ASN A 160 -15.31 -10.28 19.43
CA ASN A 160 -16.59 -9.94 20.03
C ASN A 160 -16.72 -8.51 20.34
N GLY A 161 -16.22 -7.63 19.47
CA GLY A 161 -16.31 -6.21 19.76
C GLY A 161 -15.50 -5.72 20.95
N GLU A 162 -14.65 -6.57 21.51
CA GLU A 162 -13.73 -6.10 22.54
C GLU A 162 -12.24 -6.22 22.09
N PHE A 163 -11.41 -5.31 22.57
CA PHE A 163 -9.98 -5.30 22.21
C PHE A 163 -9.36 -6.54 22.84
N ALA A 164 -8.78 -7.40 22.01
CA ALA A 164 -8.08 -8.62 22.48
C ALA A 164 -6.54 -8.50 22.38
N GLY A 165 -6.02 -7.61 21.52
CA GLY A 165 -4.57 -7.45 21.41
C GLY A 165 -4.20 -6.71 20.15
N ILE A 166 -2.98 -6.93 19.62
CA ILE A 166 -2.54 -6.22 18.41
C ILE A 166 -1.84 -7.16 17.47
N ALA A 167 -1.78 -6.77 16.20
CA ALA A 167 -0.94 -7.39 15.19
C ALA A 167 -0.11 -6.23 14.68
N GLY A 168 1.17 -6.47 14.47
CA GLY A 168 2.12 -5.36 14.12
C GLY A 168 3.24 -5.80 13.20
N VAL A 169 3.89 -4.84 12.52
CA VAL A 169 5.05 -5.15 11.73
C VAL A 169 6.07 -4.05 12.00
N ASP A 170 7.34 -4.46 12.08
CA ASP A 170 8.41 -3.52 12.34
C ASP A 170 9.06 -3.27 10.99
N VAL A 171 9.32 -2.02 10.67
CA VAL A 171 9.78 -1.72 9.30
C VAL A 171 11.09 -0.94 9.34
N PRO A 172 12.21 -1.53 8.92
CA PRO A 172 13.43 -0.70 9.01
C PRO A 172 13.46 0.49 8.01
N LEU A 173 14.17 1.55 8.34
CA LEU A 173 14.07 2.76 7.55
C LEU A 173 15.36 3.14 6.87
N GLU A 174 16.33 2.24 6.94
CA GLU A 174 17.61 2.59 6.31
C GLU A 174 17.42 2.92 4.84
N TYR A 175 16.50 2.24 4.21
CA TYR A 175 16.34 2.44 2.77
C TYR A 175 15.92 3.90 2.47
N VAL A 176 15.26 4.53 3.42
CA VAL A 176 14.85 5.94 3.23
C VAL A 176 16.05 6.86 2.94
N ASP A 177 17.12 6.73 3.71
CA ASP A 177 18.32 7.54 3.48
C ASP A 177 18.99 7.12 2.16
N ASP A 178 19.01 5.81 1.88
CA ASP A 178 19.58 5.32 0.63
C ASP A 178 18.89 5.97 -0.51
N VAL A 179 17.57 6.03 -0.46
CA VAL A 179 16.84 6.66 -1.55
C VAL A 179 16.88 8.18 -1.48
N ALA A 180 16.47 8.75 -0.37
CA ALA A 180 16.30 10.18 -0.34
C ALA A 180 17.65 10.94 -0.60
N SER A 181 18.73 10.42 -0.05
CA SER A 181 19.93 11.24 -0.03
C SER A 181 20.62 11.15 -1.42
N SER A 182 19.99 10.51 -2.41
CA SER A 182 20.62 10.55 -3.73
C SER A 182 19.74 11.33 -4.69
N ILE A 183 18.67 11.91 -4.17
CA ILE A 183 17.83 12.80 -4.99
C ILE A 183 18.49 14.17 -5.20
N ARG A 184 18.59 14.62 -6.44
CA ARG A 184 19.21 15.94 -6.69
C ARG A 184 18.30 16.77 -7.53
N THR A 185 18.23 18.06 -7.26
CA THR A 185 17.46 18.89 -8.13
C THR A 185 18.13 20.26 -8.40
N PHE A 186 17.94 20.84 -9.58
CA PHE A 186 18.70 22.06 -9.94
C PHE A 186 20.16 21.73 -9.80
N ASP A 187 20.98 22.62 -9.27
CA ASP A 187 22.42 22.30 -9.23
C ASP A 187 22.89 21.57 -7.94
N THR A 188 22.42 22.05 -6.80
CA THR A 188 22.81 21.43 -5.53
C THR A 188 21.55 21.24 -4.64
N GLY A 189 20.36 21.18 -5.26
CA GLY A 189 19.13 21.00 -4.42
C GLY A 189 19.12 19.56 -3.93
N TYR A 190 18.54 19.31 -2.75
CA TYR A 190 18.60 17.95 -2.19
C TYR A 190 17.33 17.70 -1.41
N ALA A 191 17.26 16.51 -0.80
CA ALA A 191 16.00 16.03 -0.21
C ALA A 191 16.23 15.29 1.07
N PHE A 192 15.22 15.32 1.94
CA PHE A 192 15.27 14.42 3.05
C PHE A 192 13.81 14.18 3.51
N MET A 193 13.62 13.13 4.32
CA MET A 193 12.27 12.79 4.80
C MET A 193 12.30 13.04 6.31
N VAL A 194 11.17 13.47 6.89
CA VAL A 194 11.03 13.50 8.34
C VAL A 194 9.75 12.81 8.80
N SER A 195 9.68 12.57 10.11
CA SER A 195 8.50 11.90 10.66
C SER A 195 7.50 12.96 11.02
N ASN A 196 6.39 12.55 11.60
CA ASN A 196 5.33 13.45 11.84
C ASN A 196 5.74 14.52 12.85
N THR A 197 6.58 14.18 13.85
CA THR A 197 7.12 15.17 14.77
C THR A 197 8.43 15.79 14.25
N GLY A 198 8.75 15.64 12.97
CA GLY A 198 9.84 16.35 12.35
C GLY A 198 11.22 15.65 12.54
N ILE A 199 11.23 14.40 12.97
CA ILE A 199 12.51 13.71 13.27
C ILE A 199 13.11 13.35 11.94
N PHE A 200 14.42 13.64 11.71
CA PHE A 200 15.00 13.24 10.41
C PHE A 200 15.02 11.70 10.24
N LEU A 201 14.49 11.24 9.11
CA LEU A 201 14.60 9.86 8.67
C LEU A 201 15.78 9.66 7.72
N SER A 202 16.36 10.76 7.26
CA SER A 202 17.46 10.73 6.27
C SER A 202 18.16 12.12 6.31
N HIS A 203 19.37 12.19 5.74
CA HIS A 203 19.96 13.49 5.45
C HIS A 203 21.21 13.21 4.62
N PRO A 204 21.45 14.03 3.60
CA PRO A 204 22.52 13.63 2.69
C PRO A 204 23.90 13.74 3.38
N THR A 205 24.08 14.62 4.34
CA THR A 205 25.41 14.82 4.91
C THR A 205 25.43 14.61 6.40
N GLN A 206 24.35 14.88 7.09
CA GLN A 206 24.42 14.77 8.51
C GLN A 206 23.86 13.45 8.97
N LYS A 207 24.59 12.33 8.76
CA LYS A 207 24.08 11.03 9.16
C LYS A 207 23.74 11.07 10.62
N ASN A 208 24.46 11.88 11.37
CA ASN A 208 24.21 11.93 12.80
C ASN A 208 22.87 12.56 13.22
N TRP A 209 22.18 13.24 12.32
CA TRP A 209 20.86 13.85 12.65
C TRP A 209 19.72 12.78 12.55
N ILE A 210 20.01 11.71 11.86
CA ILE A 210 19.00 10.67 11.53
C ILE A 210 18.52 9.98 12.75
N GLY A 211 17.23 10.13 13.05
CA GLY A 211 16.74 9.46 14.21
C GLY A 211 17.06 10.24 15.46
N GLU A 212 17.74 11.38 15.37
CA GLU A 212 18.27 12.03 16.61
C GLU A 212 17.85 13.52 16.66
N LYS A 213 17.79 14.19 15.53
CA LYS A 213 17.43 15.58 15.60
C LYS A 213 16.08 15.79 14.91
N SER A 214 15.41 16.84 15.31
CA SER A 214 14.13 17.17 14.71
C SER A 214 14.12 18.61 14.13
N LEU A 215 13.33 18.88 13.09
CA LEU A 215 13.16 20.23 12.58
C LEU A 215 12.84 21.18 13.74
N SER A 216 12.13 20.71 14.74
CA SER A 216 11.67 21.69 15.70
C SER A 216 12.78 22.02 16.66
N ASP A 217 13.94 21.40 16.50
CA ASP A 217 15.07 21.70 17.35
C ASP A 217 15.83 22.95 16.86
N PHE A 218 15.65 23.36 15.59
CA PHE A 218 16.38 24.48 14.97
C PHE A 218 15.81 25.82 15.44
N ASP A 219 16.70 26.67 15.90
CA ASP A 219 16.26 27.97 16.39
C ASP A 219 16.08 28.96 15.23
N VAL A 220 15.07 28.70 14.42
CA VAL A 220 14.82 29.43 13.21
C VAL A 220 13.30 29.39 13.02
N GLU A 221 12.70 30.56 13.07
CA GLU A 221 11.26 30.68 12.92
C GLU A 221 10.63 29.89 11.76
N GLU A 222 11.19 30.05 10.56
CA GLU A 222 10.67 29.41 9.39
C GLU A 222 10.66 27.86 9.52
N ILE A 223 11.65 27.29 10.22
CA ILE A 223 11.82 25.83 10.31
C ILE A 223 10.83 25.28 11.32
N LYS A 224 10.73 25.95 12.46
CA LYS A 224 9.61 25.73 13.40
C LYS A 224 8.19 25.79 12.79
N ASN A 225 7.99 26.73 11.84
CA ASN A 225 6.72 26.87 11.13
C ASN A 225 6.48 25.66 10.17
N ALA A 226 7.56 25.23 9.50
CA ALA A 226 7.47 24.05 8.65
C ALA A 226 7.09 22.86 9.54
N ALA A 227 7.79 22.70 10.66
CA ALA A 227 7.57 21.55 11.53
C ALA A 227 6.11 21.48 12.09
N SER A 228 5.51 22.65 12.41
CA SER A 228 4.06 22.76 12.75
C SER A 228 3.17 22.26 11.68
N ASP A 229 3.42 22.68 10.44
CA ASP A 229 2.57 22.25 9.37
C ASP A 229 2.73 20.72 9.23
N ILE A 230 3.98 20.26 9.34
CA ILE A 230 4.30 18.82 9.10
C ILE A 230 3.55 18.01 10.16
N ARG A 231 3.69 18.39 11.40
CA ARG A 231 2.93 17.75 12.45
C ARG A 231 1.40 17.59 12.11
N GLU A 232 0.83 18.59 11.45
CA GLU A 232 -0.63 18.60 11.09
C GLU A 232 -0.91 18.03 9.75
N GLY A 233 0.11 17.44 9.08
CA GLY A 233 -0.13 16.85 7.75
C GLY A 233 -0.26 17.89 6.59
N ILE A 234 0.35 19.07 6.75
CA ILE A 234 0.13 20.17 5.76
C ILE A 234 1.38 20.33 4.89
N GLY A 235 1.20 20.38 3.59
CA GLY A 235 2.32 20.69 2.68
C GLY A 235 2.54 22.20 2.62
N GLY A 236 3.67 22.62 2.05
CA GLY A 236 3.95 24.04 2.04
C GLY A 236 5.40 24.31 1.65
N HIS A 237 5.80 25.58 1.74
CA HIS A 237 7.17 25.91 1.58
C HIS A 237 7.53 27.14 2.42
N VAL A 238 8.80 27.22 2.78
CA VAL A 238 9.25 28.39 3.47
C VAL A 238 10.53 28.85 2.85
N GLU A 239 10.80 30.15 2.98
CA GLU A 239 12.08 30.73 2.58
C GLU A 239 12.94 30.98 3.84
N ILE A 240 14.15 30.46 3.84
CA ILE A 240 15.02 30.54 4.99
C ILE A 240 16.33 31.26 4.58
N LYS A 241 16.57 32.44 5.13
CA LYS A 241 17.80 33.20 4.77
C LYS A 241 18.83 33.06 5.85
N ASP A 242 20.02 32.65 5.48
CA ASP A 242 21.03 32.58 6.48
C ASP A 242 21.81 33.93 6.57
N PRO A 243 21.45 34.78 7.55
CA PRO A 243 22.04 36.10 7.84
C PRO A 243 23.56 36.12 7.86
N ILE A 244 24.17 35.02 8.25
CA ILE A 244 25.62 35.01 8.33
C ILE A 244 26.34 34.61 7.01
N THR A 245 25.73 33.76 6.18
CA THR A 245 26.29 33.44 4.87
C THR A 245 25.60 34.27 3.74
N GLY A 246 24.48 34.89 4.06
CA GLY A 246 23.66 35.55 3.04
C GLY A 246 22.89 34.61 2.11
N LYS A 247 23.02 33.30 2.30
CA LYS A 247 22.35 32.37 1.40
C LYS A 247 20.92 32.05 1.75
N THR A 248 20.06 32.08 0.73
CA THR A 248 18.65 31.70 0.92
C THR A 248 18.34 30.34 0.26
N VAL A 249 17.61 29.48 0.98
CA VAL A 249 17.09 28.26 0.38
C VAL A 249 15.55 28.29 0.52
N ILE A 250 14.87 27.60 -0.40
CA ILE A 250 13.46 27.36 -0.23
C ILE A 250 13.29 25.87 0.22
N MET A 251 12.55 25.67 1.31
CA MET A 251 12.34 24.32 1.83
C MET A 251 10.86 23.97 1.55
N PHE A 252 10.68 23.08 0.59
CA PHE A 252 9.37 22.55 0.20
C PHE A 252 9.11 21.23 0.96
N TYR A 253 7.93 21.10 1.54
CA TYR A 253 7.57 19.86 2.30
C TYR A 253 6.13 19.46 1.92
N GLU A 254 5.93 18.15 1.67
CA GLU A 254 4.62 17.64 1.21
C GLU A 254 4.31 16.40 2.03
N PRO A 255 3.04 16.27 2.49
CA PRO A 255 2.82 15.21 3.45
C PRO A 255 2.86 13.83 2.83
N VAL A 256 3.36 12.90 3.63
CA VAL A 256 3.25 11.47 3.34
C VAL A 256 1.99 11.01 4.09
N LYS A 257 0.98 10.60 3.37
CA LYS A 257 -0.33 10.44 3.95
C LYS A 257 -0.41 9.41 5.13
N THR A 258 0.32 8.32 5.06
CA THR A 258 0.34 7.30 6.17
C THR A 258 1.23 7.83 7.24
N GLY A 259 0.61 8.25 8.35
CA GLY A 259 1.30 8.79 9.48
C GLY A 259 1.61 10.27 9.41
N ASP A 260 1.22 10.93 8.30
CA ASP A 260 1.64 12.33 8.06
C ASP A 260 3.11 12.56 8.35
N PHE A 261 3.96 11.69 7.85
CA PHE A 261 5.42 12.03 7.71
C PHE A 261 5.54 13.12 6.64
N SER A 262 6.76 13.51 6.25
CA SER A 262 6.90 14.57 5.24
C SER A 262 8.16 14.40 4.43
N PHE A 263 8.01 14.58 3.14
CA PHE A 263 9.11 14.60 2.21
C PHE A 263 9.47 16.05 1.92
N VAL A 264 10.75 16.35 2.08
CA VAL A 264 11.21 17.74 2.05
C VAL A 264 12.24 17.94 0.93
N LEU A 265 12.10 19.00 0.16
CA LEU A 265 13.15 19.32 -0.81
C LEU A 265 13.70 20.65 -0.37
N VAL A 266 15.01 20.76 -0.39
CA VAL A 266 15.63 22.05 -0.07
C VAL A 266 16.32 22.58 -1.35
N VAL A 267 15.91 23.76 -1.82
CA VAL A 267 16.52 24.30 -3.05
C VAL A 267 17.10 25.71 -2.88
N PRO A 268 18.35 25.91 -3.28
CA PRO A 268 18.96 27.25 -3.25
C PRO A 268 18.17 28.17 -4.14
N LYS A 269 17.63 29.20 -3.54
CA LYS A 269 16.72 30.14 -4.22
C LYS A 269 17.25 30.67 -5.55
N GLU A 270 18.56 30.88 -5.64
CA GLU A 270 19.15 31.49 -6.82
C GLU A 270 19.14 30.48 -7.96
N GLU A 271 19.29 29.20 -7.61
CA GLU A 271 19.36 28.16 -8.61
C GLU A 271 18.02 28.05 -9.28
N MET A 272 16.97 28.43 -8.55
CA MET A 272 15.62 28.28 -9.04
C MET A 272 15.21 29.39 -9.96
N LEU A 273 15.93 30.49 -9.88
CA LEU A 273 15.68 31.61 -10.76
C LEU A 273 16.93 31.87 -11.60
N LYS B 12 10.55 24.24 -20.92
CA LYS B 12 11.10 23.06 -20.21
C LYS B 12 10.48 22.94 -18.84
N LEU B 13 10.58 24.00 -18.05
CA LEU B 13 9.95 24.01 -16.73
C LEU B 13 8.47 23.66 -16.82
N ALA B 14 7.81 24.22 -17.84
CA ALA B 14 6.38 23.94 -18.15
C ALA B 14 6.15 22.44 -18.29
N TYR B 15 6.88 21.84 -19.22
CA TYR B 15 6.76 20.43 -19.43
C TYR B 15 7.04 19.70 -18.11
N GLU B 16 8.16 20.04 -17.47
CA GLU B 16 8.61 19.30 -16.29
C GLU B 16 7.58 19.35 -15.16
N LYS B 17 6.91 20.48 -15.03
CA LYS B 17 5.89 20.61 -14.01
C LYS B 17 4.66 19.67 -14.20
N SER B 18 4.30 19.46 -15.47
CA SER B 18 3.21 18.57 -15.86
C SER B 18 3.68 17.10 -15.81
N ILE B 19 4.91 16.85 -16.23
CA ILE B 19 5.51 15.54 -15.98
C ILE B 19 5.42 15.12 -14.49
N GLU B 20 5.82 16.03 -13.57
CA GLU B 20 5.84 15.73 -12.11
C GLU B 20 4.46 15.53 -11.65
N MET B 21 3.56 16.34 -12.20
CA MET B 21 2.19 16.25 -11.74
C MET B 21 1.58 14.93 -12.17
N ALA B 22 1.86 14.45 -13.38
CA ALA B 22 1.35 13.16 -13.83
C ALA B 22 1.91 12.05 -12.92
N GLY B 23 3.18 12.19 -12.55
CA GLY B 23 3.91 11.15 -11.77
C GLY B 23 3.34 11.15 -10.36
N ASN B 24 3.08 12.35 -9.85
CA ASN B 24 2.53 12.52 -8.54
C ASN B 24 1.14 11.81 -8.41
N TYR B 25 0.22 12.09 -9.34
CA TYR B 25 -1.09 11.43 -9.35
C TYR B 25 -0.95 9.95 -9.57
N ALA B 26 -0.01 9.54 -10.40
CA ALA B 26 0.11 8.10 -10.67
C ALA B 26 0.48 7.36 -9.36
N ASN B 27 1.38 7.95 -8.57
CA ASN B 27 1.73 7.31 -7.28
C ASN B 27 0.65 7.44 -6.24
N GLN B 28 -0.14 8.53 -6.33
CA GLN B 28 -1.32 8.65 -5.51
C GLN B 28 -2.32 7.53 -5.72
N PHE B 29 -2.56 7.13 -6.98
CA PHE B 29 -3.44 6.00 -7.27
C PHE B 29 -2.70 4.71 -6.93
N ASP B 30 -1.38 4.67 -7.17
CA ASP B 30 -0.63 3.48 -6.85
C ASP B 30 -0.70 3.08 -5.38
N ALA B 31 -0.81 4.04 -4.48
CA ALA B 31 -0.72 3.77 -3.04
C ALA B 31 -1.84 2.82 -2.56
N GLN B 32 -3.10 3.11 -2.91
CA GLN B 32 -4.16 2.16 -2.57
C GLN B 32 -4.03 0.81 -3.29
N MET B 33 -3.50 0.81 -4.50
CA MET B 33 -3.34 -0.47 -5.18
C MET B 33 -2.28 -1.35 -4.47
N GLU B 34 -1.23 -0.70 -3.91
CA GLU B 34 -0.19 -1.48 -3.18
C GLU B 34 -0.81 -2.09 -1.88
N ALA B 35 -1.65 -1.29 -1.20
CA ALA B 35 -2.37 -1.78 -0.02
C ALA B 35 -3.26 -2.98 -0.39
N ASN B 36 -4.08 -2.84 -1.44
CA ASN B 36 -4.96 -3.92 -1.79
C ASN B 36 -4.21 -5.18 -2.15
N GLN B 37 -3.15 -4.97 -2.89
CA GLN B 37 -2.29 -6.10 -3.26
C GLN B 37 -1.75 -6.81 -1.97
N ALA B 38 -1.31 -6.01 -0.99
CA ALA B 38 -0.71 -6.56 0.29
C ALA B 38 -1.83 -7.25 1.11
N ILE B 39 -3.09 -6.84 0.91
CA ILE B 39 -4.20 -7.64 1.56
C ILE B 39 -4.25 -9.09 1.06
N ALA B 40 -4.26 -9.26 -0.24
CA ALA B 40 -4.38 -10.60 -0.80
C ALA B 40 -3.10 -11.36 -0.52
N ARG B 41 -1.97 -10.67 -0.51
CA ARG B 41 -0.70 -11.35 -0.27
C ARG B 41 -0.57 -11.88 1.14
N THR B 42 -1.04 -11.09 2.10
CA THR B 42 -0.88 -11.45 3.49
C THR B 42 -1.85 -12.64 3.79
N LEU B 43 -3.00 -12.64 3.09
CA LEU B 43 -4.00 -13.70 3.34
C LEU B 43 -3.38 -14.97 2.78
N ALA B 44 -2.75 -14.87 1.62
CA ALA B 44 -2.08 -16.02 1.06
C ALA B 44 -0.93 -16.57 1.94
N CYS B 45 -0.11 -15.66 2.51
CA CYS B 45 0.97 -16.10 3.46
C CYS B 45 0.33 -16.83 4.65
N THR B 46 -0.78 -16.29 5.16
CA THR B 46 -1.44 -16.84 6.33
C THR B 46 -1.97 -18.25 5.97
N MET B 47 -2.65 -18.34 4.83
CA MET B 47 -3.28 -19.62 4.52
C MET B 47 -2.19 -20.63 4.17
N ALA B 48 -1.04 -20.18 3.69
CA ALA B 48 0.01 -21.16 3.36
C ALA B 48 0.45 -21.88 4.65
N GLU B 49 0.25 -21.25 5.81
CA GLU B 49 0.67 -21.84 7.13
C GLU B 49 -0.55 -22.35 7.89
N TYR B 50 -1.75 -22.22 7.34
CA TYR B 50 -2.90 -22.54 8.12
C TYR B 50 -3.09 -24.04 8.04
N GLY B 51 -2.95 -24.70 9.17
CA GLY B 51 -2.98 -26.19 9.18
C GLY B 51 -4.24 -26.67 9.90
N SER B 52 -4.99 -25.75 10.48
CA SER B 52 -6.21 -26.12 11.18
C SER B 52 -7.31 -26.60 10.23
N GLN B 53 -7.19 -26.38 8.94
CA GLN B 53 -8.10 -27.06 8.02
CA GLN B 53 -8.11 -27.03 7.99
C GLN B 53 -9.57 -26.82 8.38
N ASP B 54 -9.94 -25.65 8.90
CA ASP B 54 -11.33 -25.44 9.28
C ASP B 54 -12.03 -24.53 8.23
N ARG B 55 -12.84 -25.10 7.32
CA ARG B 55 -13.48 -24.31 6.28
C ARG B 55 -14.37 -23.15 6.82
N GLU B 56 -15.08 -23.35 7.93
CA GLU B 56 -15.96 -22.30 8.43
C GLU B 56 -15.12 -21.17 8.95
N GLU B 57 -14.02 -21.49 9.65
CA GLU B 57 -13.17 -20.38 10.14
C GLU B 57 -12.50 -19.64 8.98
N ALA B 58 -12.00 -20.35 7.97
CA ALA B 58 -11.42 -19.68 6.76
C ALA B 58 -12.42 -18.75 6.04
N MET B 59 -13.68 -19.20 5.93
CA MET B 59 -14.79 -18.32 5.47
C MET B 59 -15.08 -17.15 6.39
N SER B 60 -15.07 -17.34 7.69
CA SER B 60 -15.14 -16.18 8.59
C SER B 60 -14.00 -15.12 8.46
N ILE B 61 -12.80 -15.64 8.24
CA ILE B 61 -11.61 -14.83 8.01
C ILE B 61 -11.82 -13.97 6.76
N ILE B 62 -12.22 -14.58 5.62
CA ILE B 62 -12.34 -13.75 4.37
C ILE B 62 -13.52 -12.79 4.47
N LYS B 63 -14.56 -13.21 5.20
CA LYS B 63 -15.67 -12.32 5.49
C LYS B 63 -15.29 -11.09 6.35
N ARG B 64 -14.54 -11.29 7.45
CA ARG B 64 -14.08 -10.20 8.22
C ARG B 64 -13.20 -9.25 7.34
N ILE B 65 -12.24 -9.83 6.62
CA ILE B 65 -11.37 -8.99 5.76
C ILE B 65 -12.23 -8.10 4.81
N LEU B 66 -13.22 -8.71 4.18
CA LEU B 66 -14.16 -7.96 3.34
C LEU B 66 -14.84 -6.79 4.07
N ASN B 67 -15.40 -7.12 5.20
CA ASN B 67 -16.19 -6.14 5.93
C ASN B 67 -15.33 -5.04 6.56
N GLU B 68 -14.05 -5.33 6.86
CA GLU B 68 -13.13 -4.26 7.37
C GLU B 68 -12.49 -3.41 6.30
N ASN B 69 -12.73 -3.78 5.03
CA ASN B 69 -12.16 -3.12 3.87
C ASN B 69 -13.27 -2.71 2.87
N PRO B 70 -13.95 -1.55 3.10
CA PRO B 70 -15.06 -1.05 2.23
C PRO B 70 -14.66 -0.86 0.78
N GLN B 71 -13.36 -0.68 0.53
CA GLN B 71 -12.87 -0.52 -0.83
C GLN B 71 -12.82 -1.84 -1.61
N LEU B 72 -13.06 -2.97 -0.93
CA LEU B 72 -13.14 -4.26 -1.64
C LEU B 72 -14.62 -4.65 -1.84
N ILE B 73 -14.91 -5.47 -2.85
CA ILE B 73 -16.27 -5.96 -3.06
C ILE B 73 -16.23 -7.47 -2.96
N GLY B 74 -15.03 -8.04 -2.92
CA GLY B 74 -14.96 -9.47 -2.64
C GLY B 74 -13.62 -9.93 -2.13
N VAL B 75 -13.62 -10.97 -1.26
CA VAL B 75 -12.32 -11.57 -0.81
C VAL B 75 -12.53 -13.09 -0.94
N TYR B 76 -11.53 -13.83 -1.42
CA TYR B 76 -11.86 -15.20 -1.69
C TYR B 76 -10.59 -16.02 -1.57
N LEU B 77 -10.77 -17.33 -1.55
CA LEU B 77 -9.69 -18.32 -1.58
C LEU B 77 -10.12 -19.30 -2.62
N GLY B 78 -9.16 -19.87 -3.34
CA GLY B 78 -9.49 -20.99 -4.22
C GLY B 78 -8.37 -22.03 -4.17
N TYR B 79 -8.74 -23.28 -4.04
CA TYR B 79 -7.73 -24.32 -3.82
C TYR B 79 -7.78 -25.46 -4.86
N GLU B 80 -6.65 -26.11 -5.00
CA GLU B 80 -6.48 -27.25 -5.89
C GLU B 80 -7.29 -28.40 -5.23
N PRO B 81 -7.62 -29.46 -5.99
CA PRO B 81 -8.35 -30.61 -5.44
C PRO B 81 -7.72 -31.09 -4.14
N ASP B 82 -8.51 -31.14 -3.08
CA ASP B 82 -8.07 -31.66 -1.75
C ASP B 82 -6.91 -30.90 -1.08
N ALA B 83 -6.47 -29.77 -1.63
CA ALA B 83 -5.26 -29.07 -1.12
C ALA B 83 -5.46 -28.21 0.12
N PHE B 84 -6.73 -27.93 0.47
CA PHE B 84 -7.00 -27.25 1.75
C PHE B 84 -7.03 -28.16 2.99
N ASP B 85 -7.73 -29.29 2.87
CA ASP B 85 -7.93 -30.15 4.01
C ASP B 85 -8.08 -31.58 3.61
N GLY B 86 -7.84 -31.91 2.37
CA GLY B 86 -7.91 -33.32 1.99
C GLY B 86 -9.33 -33.90 1.95
N ARG B 87 -10.36 -33.03 2.09
CA ARG B 87 -11.74 -33.57 2.29
C ARG B 87 -12.83 -32.96 1.36
N ASP B 88 -12.47 -32.64 0.14
CA ASP B 88 -13.43 -32.08 -0.84
C ASP B 88 -14.72 -32.92 -0.91
N LYS B 89 -14.55 -34.23 -0.73
CA LYS B 89 -15.67 -35.18 -0.96
C LYS B 89 -16.71 -34.90 0.11
N ASN B 90 -16.32 -34.31 1.24
CA ASN B 90 -17.34 -33.98 2.23
C ASN B 90 -18.04 -32.65 1.97
N TYR B 91 -17.66 -31.90 0.92
CA TYR B 91 -18.28 -30.53 0.77
C TYR B 91 -18.95 -30.33 -0.59
N ILE B 92 -19.28 -31.45 -1.24
CA ILE B 92 -19.78 -31.41 -2.59
C ILE B 92 -21.14 -30.70 -2.47
N ASN B 93 -21.32 -29.62 -3.24
CA ASN B 93 -22.54 -28.79 -3.19
C ASN B 93 -22.96 -28.39 -1.81
N ALA B 94 -22.00 -28.14 -0.90
CA ALA B 94 -22.37 -27.60 0.40
C ALA B 94 -22.53 -26.07 0.22
N PRO B 95 -23.03 -25.33 1.22
CA PRO B 95 -23.06 -23.87 1.17
C PRO B 95 -21.69 -23.30 0.83
N GLY B 96 -21.66 -22.34 -0.08
CA GLY B 96 -20.42 -21.78 -0.61
C GLY B 96 -19.57 -22.64 -1.59
N HIS B 97 -20.07 -23.80 -2.01
CA HIS B 97 -19.31 -24.74 -2.80
C HIS B 97 -20.10 -25.14 -4.04
N ASP B 98 -19.39 -25.76 -4.99
CA ASP B 98 -19.93 -26.27 -6.22
C ASP B 98 -19.82 -27.81 -6.19
N SER B 99 -19.94 -28.44 -7.36
CA SER B 99 -20.06 -29.90 -7.43
C SER B 99 -18.79 -30.61 -7.20
N THR B 100 -17.65 -29.89 -7.21
CA THR B 100 -16.35 -30.53 -6.94
C THR B 100 -16.03 -30.63 -5.43
N GLY B 101 -16.72 -29.88 -4.58
CA GLY B 101 -16.31 -29.81 -3.14
C GLY B 101 -14.91 -29.18 -2.94
N ARG B 102 -14.25 -28.69 -3.99
CA ARG B 102 -13.04 -27.89 -3.76
C ARG B 102 -13.33 -26.64 -2.87
N PHE B 103 -12.34 -26.21 -2.11
CA PHE B 103 -12.58 -25.04 -1.25
C PHE B 103 -12.31 -23.78 -2.09
N VAL B 104 -13.42 -23.16 -2.54
CA VAL B 104 -13.36 -22.06 -3.48
C VAL B 104 -14.34 -20.95 -3.06
N PRO B 105 -14.33 -20.55 -1.80
CA PRO B 105 -15.33 -19.59 -1.41
C PRO B 105 -15.09 -18.17 -1.97
N TYR B 106 -16.11 -17.60 -2.55
CA TYR B 106 -16.05 -16.21 -3.00
C TYR B 106 -16.95 -15.35 -2.10
N CYS B 107 -16.36 -14.68 -1.11
CA CYS B 107 -17.16 -13.91 -0.17
C CYS B 107 -17.30 -12.50 -0.71
N ASN B 108 -18.53 -12.04 -0.95
CA ASN B 108 -18.65 -10.85 -1.79
C ASN B 108 -19.93 -10.10 -1.54
N LYS B 109 -19.96 -8.86 -1.98
CA LYS B 109 -21.19 -8.10 -1.87
C LYS B 109 -21.52 -7.46 -3.22
N ILE B 110 -21.23 -8.21 -4.26
CA ILE B 110 -21.52 -7.77 -5.61
C ILE B 110 -22.99 -7.32 -5.78
N ASN B 111 -23.92 -8.01 -5.13
CA ASN B 111 -25.34 -7.75 -5.38
C ASN B 111 -25.96 -7.01 -4.22
N GLY B 112 -25.14 -6.51 -3.30
CA GLY B 112 -25.58 -5.80 -2.11
C GLY B 112 -25.16 -6.44 -0.79
N PRO B 113 -25.85 -7.51 -0.39
CA PRO B 113 -25.59 -8.12 0.91
C PRO B 113 -24.36 -9.01 0.74
N VAL B 114 -23.72 -9.33 1.86
CA VAL B 114 -22.50 -10.11 1.84
C VAL B 114 -22.91 -11.61 1.74
N ILE B 115 -22.49 -12.35 0.73
CA ILE B 115 -22.78 -13.81 0.75
C ILE B 115 -21.55 -14.54 0.27
N ILE B 116 -21.54 -15.86 0.39
CA ILE B 116 -20.40 -16.63 -0.07
C ILE B 116 -20.93 -17.63 -1.04
N GLU B 117 -20.40 -17.66 -2.25
CA GLU B 117 -20.80 -18.68 -3.18
C GLU B 117 -19.49 -19.09 -3.83
N PRO B 118 -19.49 -20.20 -4.60
CA PRO B 118 -18.22 -20.72 -5.18
C PRO B 118 -17.72 -19.83 -6.27
N LEU B 119 -16.42 -19.70 -6.38
CA LEU B 119 -15.79 -19.15 -7.53
C LEU B 119 -16.11 -19.98 -8.77
N VAL B 120 -15.95 -19.40 -9.93
CA VAL B 120 -16.19 -20.15 -11.15
C VAL B 120 -14.98 -19.90 -12.05
N HIS B 121 -14.73 -20.81 -12.98
CA HIS B 121 -13.71 -20.60 -14.00
C HIS B 121 -12.34 -20.65 -13.42
N TYR B 122 -12.20 -21.25 -12.25
CA TYR B 122 -10.90 -21.28 -11.62
C TYR B 122 -9.97 -22.16 -12.48
N ASP B 123 -10.53 -23.05 -13.27
CA ASP B 123 -9.67 -23.93 -14.05
C ASP B 123 -9.15 -23.28 -15.29
N SER B 124 -9.68 -22.12 -15.64
CA SER B 124 -9.28 -21.53 -16.90
C SER B 124 -9.01 -20.07 -16.84
N SER B 125 -9.57 -19.40 -15.87
CA SER B 125 -9.40 -17.97 -15.91
C SER B 125 -8.09 -17.44 -15.25
N ASP B 126 -7.61 -16.29 -15.73
CA ASP B 126 -6.31 -15.80 -15.35
C ASP B 126 -6.15 -15.50 -13.84
N TYR B 127 -7.22 -15.10 -13.16
CA TYR B 127 -7.05 -14.72 -11.79
C TYR B 127 -6.48 -15.91 -10.95
N TYR B 128 -6.74 -17.12 -11.40
CA TYR B 128 -6.28 -18.34 -10.71
C TYR B 128 -5.08 -18.96 -11.45
N GLN B 129 -5.23 -19.08 -12.78
CA GLN B 129 -4.23 -19.76 -13.62
C GLN B 129 -2.90 -19.02 -13.73
N LEU B 130 -2.90 -17.69 -13.82
CA LEU B 130 -1.65 -16.98 -13.83
C LEU B 130 -0.86 -17.14 -12.50
N PRO B 131 -1.52 -16.94 -11.35
CA PRO B 131 -0.68 -17.22 -10.16
C PRO B 131 -0.23 -18.68 -10.15
N LYS B 132 -1.08 -19.59 -10.62
CA LYS B 132 -0.69 -21.00 -10.65
C LYS B 132 0.50 -21.30 -11.57
N THR B 133 0.39 -20.82 -12.82
CA THR B 133 1.46 -21.01 -13.81
C THR B 133 2.70 -20.15 -13.59
N THR B 134 2.63 -19.00 -12.92
CA THR B 134 3.78 -18.12 -12.80
C THR B 134 4.37 -18.04 -11.41
N GLY B 135 3.57 -18.35 -10.38
CA GLY B 135 4.01 -18.28 -9.00
C GLY B 135 4.05 -16.87 -8.56
N LYS B 136 3.49 -15.98 -9.37
CA LYS B 136 3.63 -14.58 -8.98
C LYS B 136 2.25 -13.96 -8.62
N ASP B 137 2.29 -12.90 -7.84
CA ASP B 137 1.13 -12.04 -7.53
C ASP B 137 0.65 -11.42 -8.80
N THR B 138 -0.66 -11.40 -9.03
CA THR B 138 -1.12 -10.86 -10.31
C THR B 138 -2.29 -9.87 -10.15
N LEU B 139 -2.52 -9.12 -11.20
CA LEU B 139 -3.51 -8.07 -11.19
C LEU B 139 -4.16 -8.17 -12.56
N THR B 140 -5.47 -8.40 -12.58
CA THR B 140 -6.14 -8.63 -13.85
C THR B 140 -6.27 -7.32 -14.56
N GLU B 141 -6.47 -7.38 -15.86
CA GLU B 141 -7.04 -6.22 -16.52
C GLU B 141 -8.47 -5.92 -15.98
N PRO B 142 -8.93 -4.67 -16.12
CA PRO B 142 -10.27 -4.38 -15.61
C PRO B 142 -11.39 -5.05 -16.39
N TYR B 143 -12.49 -5.32 -15.71
CA TYR B 143 -13.62 -5.95 -16.38
C TYR B 143 -14.90 -5.66 -15.65
N PHE B 144 -15.99 -5.96 -16.33
CA PHE B 144 -17.32 -5.81 -15.73
C PHE B 144 -17.78 -7.18 -15.26
N TYR B 145 -18.34 -7.25 -14.05
CA TYR B 145 -18.94 -8.50 -13.65
C TYR B 145 -20.24 -8.18 -12.93
N GLU B 146 -21.37 -8.68 -13.41
CA GLU B 146 -22.64 -8.43 -12.70
C GLU B 146 -22.81 -6.95 -12.49
N GLY B 147 -22.44 -6.19 -13.53
CA GLY B 147 -22.65 -4.73 -13.53
C GLY B 147 -21.60 -3.93 -12.75
N ILE B 148 -20.59 -4.56 -12.16
CA ILE B 148 -19.60 -3.79 -11.36
C ILE B 148 -18.30 -3.77 -12.13
N PHE B 149 -17.70 -2.60 -12.34
CA PHE B 149 -16.43 -2.48 -13.02
C PHE B 149 -15.33 -2.68 -11.97
N MET B 150 -14.38 -3.59 -12.19
CA MET B 150 -13.40 -3.95 -11.15
C MET B 150 -12.14 -4.58 -11.73
N VAL B 151 -11.16 -4.81 -10.86
CA VAL B 151 -9.99 -5.62 -11.20
C VAL B 151 -9.82 -6.60 -10.06
N SER B 152 -9.03 -7.62 -10.32
CA SER B 152 -8.84 -8.54 -9.25
C SER B 152 -7.35 -8.74 -8.96
N TYR B 153 -6.96 -8.79 -7.69
CA TYR B 153 -5.55 -9.05 -7.23
C TYR B 153 -5.48 -10.46 -6.68
N ASP B 154 -4.53 -11.27 -7.12
CA ASP B 154 -4.49 -12.68 -6.68
C ASP B 154 -3.06 -13.06 -6.35
N SER B 155 -2.87 -13.75 -5.21
CA SER B 155 -1.54 -14.21 -4.78
C SER B 155 -1.60 -15.73 -4.62
N PRO B 156 -0.56 -16.44 -5.08
CA PRO B 156 -0.46 -17.88 -4.93
C PRO B 156 -0.21 -18.34 -3.51
N ILE B 157 -0.82 -19.46 -3.14
CA ILE B 157 -0.60 -20.07 -1.80
C ILE B 157 0.30 -21.31 -2.03
N PHE B 158 1.50 -21.28 -1.44
CA PHE B 158 2.47 -22.37 -1.64
C PHE B 158 2.62 -23.05 -0.30
N LYS B 159 2.43 -24.37 -0.31
CA LYS B 159 2.60 -25.20 0.94
C LYS B 159 3.76 -26.14 0.67
N ASN B 160 4.90 -25.95 1.36
CA ASN B 160 6.10 -26.80 1.17
C ASN B 160 6.58 -26.72 -0.27
N GLY B 161 6.55 -25.53 -0.83
CA GLY B 161 6.96 -25.34 -2.20
C GLY B 161 5.92 -25.77 -3.20
N GLU B 162 4.79 -26.36 -2.78
CA GLU B 162 3.84 -26.74 -3.80
C GLU B 162 2.65 -25.74 -3.91
N PHE B 163 2.26 -25.39 -5.12
CA PHE B 163 1.09 -24.52 -5.33
C PHE B 163 -0.19 -25.17 -4.81
N ALA B 164 -0.86 -24.60 -3.81
CA ALA B 164 -2.10 -25.19 -3.29
C ALA B 164 -3.37 -24.42 -3.73
N GLY B 165 -3.23 -23.14 -4.07
CA GLY B 165 -4.44 -22.30 -4.32
C GLY B 165 -4.06 -20.83 -4.47
N ILE B 166 -5.04 -19.95 -4.38
CA ILE B 166 -4.82 -18.50 -4.41
C ILE B 166 -5.63 -17.88 -3.33
N ALA B 167 -5.24 -16.66 -2.96
CA ALA B 167 -6.04 -15.79 -2.10
C ALA B 167 -6.13 -14.53 -3.00
N GLY B 168 -7.33 -13.94 -3.10
CA GLY B 168 -7.57 -12.77 -3.95
C GLY B 168 -8.57 -11.79 -3.35
N VAL B 169 -8.52 -10.57 -3.86
CA VAL B 169 -9.54 -9.60 -3.54
C VAL B 169 -10.04 -8.91 -4.81
N ASP B 170 -11.32 -8.59 -4.83
CA ASP B 170 -11.91 -7.89 -5.97
C ASP B 170 -12.12 -6.42 -5.59
N VAL B 171 -11.74 -5.52 -6.48
CA VAL B 171 -11.66 -4.11 -6.10
C VAL B 171 -12.46 -3.29 -7.14
N PRO B 172 -13.59 -2.72 -6.74
CA PRO B 172 -14.38 -1.90 -7.69
C PRO B 172 -13.57 -0.66 -8.11
N LEU B 173 -13.71 -0.24 -9.38
CA LEU B 173 -12.91 0.86 -9.94
C LEU B 173 -13.77 2.15 -10.16
N GLU B 174 -15.01 2.17 -9.64
CA GLU B 174 -15.83 3.40 -9.79
C GLU B 174 -15.16 4.62 -9.23
N TYR B 175 -14.48 4.46 -8.09
CA TYR B 175 -13.81 5.58 -7.45
C TYR B 175 -12.75 6.26 -8.36
N VAL B 176 -12.18 5.52 -9.30
CA VAL B 176 -11.11 6.03 -10.15
C VAL B 176 -11.72 7.10 -11.08
N ASP B 177 -12.92 6.83 -11.57
CA ASP B 177 -13.60 7.82 -12.37
C ASP B 177 -14.03 8.98 -11.49
N ASP B 178 -14.60 8.72 -10.32
CA ASP B 178 -14.93 9.83 -9.44
C ASP B 178 -13.79 10.77 -9.14
N VAL B 179 -12.61 10.23 -8.82
CA VAL B 179 -11.47 11.06 -8.55
C VAL B 179 -10.86 11.61 -9.86
N ALA B 180 -10.48 10.78 -10.81
CA ALA B 180 -9.70 11.29 -11.93
C ALA B 180 -10.51 12.31 -12.76
N SER B 181 -11.82 12.05 -12.93
CA SER B 181 -12.56 12.92 -13.84
C SER B 181 -12.80 14.26 -13.14
N SER B 182 -12.35 14.39 -11.91
CA SER B 182 -12.42 15.65 -11.19
C SER B 182 -11.19 16.56 -11.26
N ILE B 183 -10.08 16.00 -11.70
CA ILE B 183 -8.82 16.72 -11.74
C ILE B 183 -8.81 17.70 -12.90
N ARG B 184 -8.52 18.95 -12.58
CA ARG B 184 -8.51 20.02 -13.58
C ARG B 184 -7.15 20.66 -13.56
N THR B 185 -6.59 20.92 -14.73
CA THR B 185 -5.29 21.55 -14.78
C THR B 185 -5.33 22.70 -15.81
N PHE B 186 -4.61 23.78 -15.54
CA PHE B 186 -4.66 24.95 -16.42
C PHE B 186 -6.09 25.38 -16.58
N ASP B 187 -6.65 25.50 -17.77
CA ASP B 187 -8.05 25.95 -17.80
C ASP B 187 -9.01 24.86 -18.17
N THR B 188 -8.66 24.12 -19.20
CA THR B 188 -9.43 22.99 -19.58
C THR B 188 -8.62 21.66 -19.57
N GLY B 189 -7.49 21.61 -18.86
CA GLY B 189 -6.68 20.38 -18.81
C GLY B 189 -7.50 19.36 -18.03
N TYR B 190 -7.38 18.07 -18.39
CA TYR B 190 -8.05 17.06 -17.63
C TYR B 190 -7.13 15.83 -17.48
N ALA B 191 -7.71 14.74 -17.03
CA ALA B 191 -6.93 13.56 -16.68
C ALA B 191 -7.83 12.34 -16.74
N PHE B 192 -7.19 11.21 -16.93
CA PHE B 192 -7.84 9.90 -16.89
C PHE B 192 -6.78 8.81 -16.60
N MET B 193 -7.24 7.66 -16.16
CA MET B 193 -6.37 6.51 -15.90
C MET B 193 -6.73 5.46 -16.90
N VAL B 194 -5.71 4.70 -17.30
CA VAL B 194 -5.87 3.50 -18.12
C VAL B 194 -5.13 2.28 -17.51
N SER B 195 -5.57 1.09 -17.91
CA SER B 195 -4.97 -0.13 -17.47
C SER B 195 -3.69 -0.37 -18.30
N ASN B 196 -3.02 -1.48 -18.04
CA ASN B 196 -1.75 -1.79 -18.73
C ASN B 196 -1.92 -1.93 -20.24
N THR B 197 -3.03 -2.51 -20.69
CA THR B 197 -3.30 -2.57 -22.10
C THR B 197 -4.09 -1.32 -22.57
N GLY B 198 -4.12 -0.24 -21.77
CA GLY B 198 -4.60 1.06 -22.23
C GLY B 198 -6.12 1.22 -22.23
N ILE B 199 -6.85 0.31 -21.55
CA ILE B 199 -8.32 0.46 -21.38
C ILE B 199 -8.59 1.61 -20.42
N PHE B 200 -9.58 2.46 -20.75
CA PHE B 200 -9.89 3.58 -19.88
C PHE B 200 -10.50 3.03 -18.60
N LEU B 201 -9.98 3.47 -17.46
CA LEU B 201 -10.61 3.29 -16.15
C LEU B 201 -11.51 4.43 -15.77
N SER B 202 -11.43 5.52 -16.53
CA SER B 202 -12.23 6.72 -16.24
C SER B 202 -12.25 7.55 -17.53
N HIS B 203 -13.22 8.44 -17.63
CA HIS B 203 -13.14 9.51 -18.65
C HIS B 203 -14.06 10.67 -18.26
N PRO B 204 -13.55 11.93 -18.31
CA PRO B 204 -14.39 12.97 -17.76
C PRO B 204 -15.65 13.11 -18.60
N THR B 205 -15.66 12.76 -19.88
CA THR B 205 -16.90 12.96 -20.60
C THR B 205 -17.45 11.79 -21.30
N GLN B 206 -16.62 10.89 -21.80
CA GLN B 206 -17.11 9.74 -22.51
C GLN B 206 -17.29 8.48 -21.59
N LYS B 207 -18.36 8.44 -20.79
CA LYS B 207 -18.48 7.36 -19.81
C LYS B 207 -18.53 6.02 -20.49
N ASN B 208 -18.96 6.00 -21.75
CA ASN B 208 -19.12 4.72 -22.46
C ASN B 208 -17.78 4.12 -22.95
N TRP B 209 -16.74 4.93 -22.92
CA TRP B 209 -15.37 4.42 -23.09
C TRP B 209 -14.87 3.58 -21.90
N ILE B 210 -15.34 3.84 -20.68
CA ILE B 210 -14.81 3.21 -19.47
C ILE B 210 -14.96 1.69 -19.52
N GLY B 211 -13.81 1.00 -19.52
CA GLY B 211 -13.74 -0.45 -19.55
C GLY B 211 -14.06 -1.00 -20.94
N GLU B 212 -14.19 -0.12 -21.94
CA GLU B 212 -14.70 -0.56 -23.24
C GLU B 212 -13.70 -0.18 -24.35
N LYS B 213 -13.10 0.97 -24.27
CA LYS B 213 -12.18 1.40 -25.30
C LYS B 213 -10.76 1.49 -24.78
N SER B 214 -9.80 1.25 -25.65
CA SER B 214 -8.40 1.40 -25.29
C SER B 214 -7.73 2.48 -26.12
N LEU B 215 -6.70 3.10 -25.55
CA LEU B 215 -5.84 4.03 -26.27
C LEU B 215 -5.43 3.46 -27.62
N SER B 216 -5.20 2.14 -27.66
CA SER B 216 -4.91 1.38 -28.89
C SER B 216 -5.93 1.54 -29.99
N ASP B 217 -7.19 1.70 -29.61
CA ASP B 217 -8.23 1.77 -30.59
C ASP B 217 -8.26 3.11 -31.32
N PHE B 218 -7.37 4.04 -30.98
CA PHE B 218 -7.45 5.39 -31.56
C PHE B 218 -6.64 5.42 -32.87
N ASP B 219 -7.23 5.98 -33.92
CA ASP B 219 -6.56 5.99 -35.20
C ASP B 219 -5.66 7.17 -35.25
N VAL B 220 -4.96 7.43 -34.17
CA VAL B 220 -4.05 8.57 -34.09
C VAL B 220 -2.66 8.02 -33.73
N GLU B 221 -1.63 8.35 -34.48
CA GLU B 221 -0.35 7.66 -34.22
C GLU B 221 0.31 7.97 -32.87
N GLU B 222 0.23 9.23 -32.43
CA GLU B 222 0.80 9.59 -31.16
C GLU B 222 0.10 8.79 -30.02
N ILE B 223 -1.22 8.59 -30.11
CA ILE B 223 -1.97 7.88 -29.04
C ILE B 223 -1.58 6.41 -29.01
N LYS B 224 -1.49 5.81 -30.19
CA LYS B 224 -0.91 4.44 -30.34
C LYS B 224 0.51 4.24 -29.75
N ASN B 225 1.37 5.24 -29.93
CA ASN B 225 2.72 5.16 -29.36
C ASN B 225 2.69 5.26 -27.82
N ALA B 226 1.91 6.21 -27.31
CA ALA B 226 1.65 6.29 -25.88
C ALA B 226 1.17 4.93 -25.31
N ALA B 227 0.15 4.32 -25.94
CA ALA B 227 -0.33 2.97 -25.56
C ALA B 227 0.79 1.92 -25.45
N SER B 228 1.66 1.93 -26.45
CA SER B 228 2.80 1.07 -26.52
C SER B 228 3.72 1.23 -25.32
N ASP B 229 4.04 2.48 -24.96
CA ASP B 229 4.89 2.77 -23.81
C ASP B 229 4.15 2.27 -22.52
N ILE B 230 2.85 2.55 -22.47
CA ILE B 230 2.05 2.27 -21.24
C ILE B 230 2.14 0.77 -20.98
N ARG B 231 1.95 0.00 -22.02
CA ARG B 231 2.04 -1.45 -21.92
C ARG B 231 3.39 -1.89 -21.30
N GLU B 232 4.44 -1.15 -21.62
CA GLU B 232 5.80 -1.46 -21.13
C GLU B 232 6.11 -0.84 -19.79
N GLY B 233 5.16 -0.07 -19.22
CA GLY B 233 5.42 0.65 -17.98
C GLY B 233 6.35 1.83 -18.11
N ILE B 234 6.28 2.48 -19.27
CA ILE B 234 7.15 3.62 -19.59
C ILE B 234 6.37 4.91 -19.47
N GLY B 235 6.93 5.94 -18.84
CA GLY B 235 6.27 7.24 -18.77
C GLY B 235 6.77 8.05 -19.98
N GLY B 236 6.11 9.15 -20.32
CA GLY B 236 6.43 9.88 -21.55
C GLY B 236 5.36 10.91 -21.85
N HIS B 237 5.47 11.58 -23.01
CA HIS B 237 4.40 12.47 -23.44
C HIS B 237 4.35 12.54 -24.94
N VAL B 238 3.17 12.86 -25.46
CA VAL B 238 2.98 12.91 -26.91
C VAL B 238 2.17 14.14 -27.17
N GLU B 239 2.32 14.70 -28.36
CA GLU B 239 1.60 15.91 -28.72
C GLU B 239 0.60 15.55 -29.81
N ILE B 240 -0.61 16.04 -29.67
CA ILE B 240 -1.68 15.62 -30.58
C ILE B 240 -2.36 16.88 -31.08
N LYS B 241 -2.30 17.04 -32.39
CA LYS B 241 -3.00 18.13 -33.08
C LYS B 241 -4.39 17.67 -33.47
N ASP B 242 -5.41 18.29 -32.92
CA ASP B 242 -6.80 17.95 -33.27
C ASP B 242 -7.17 18.74 -34.52
N PRO B 243 -7.45 18.06 -35.65
CA PRO B 243 -7.70 18.83 -36.88
C PRO B 243 -9.07 19.46 -36.82
N ILE B 244 -9.90 19.04 -35.88
CA ILE B 244 -11.22 19.63 -35.79
C ILE B 244 -11.12 20.97 -35.11
N THR B 245 -10.56 21.01 -33.90
CA THR B 245 -10.44 22.25 -33.13
C THR B 245 -9.24 23.16 -33.45
N GLY B 246 -8.25 22.67 -34.17
CA GLY B 246 -7.05 23.46 -34.40
C GLY B 246 -6.01 23.29 -33.29
N LYS B 247 -6.45 22.91 -32.09
CA LYS B 247 -5.50 22.91 -30.96
C LYS B 247 -4.59 21.64 -30.83
N THR B 248 -3.35 21.85 -30.36
CA THR B 248 -2.48 20.76 -29.94
C THR B 248 -2.72 20.44 -28.45
N VAL B 249 -2.86 19.16 -28.11
CA VAL B 249 -2.84 18.84 -26.68
C VAL B 249 -1.62 17.98 -26.50
N ILE B 250 -1.06 18.01 -25.29
CA ILE B 250 -0.02 17.06 -24.94
C ILE B 250 -0.61 16.06 -23.93
N MET B 251 -0.42 14.78 -24.16
CA MET B 251 -0.81 13.78 -23.17
C MET B 251 0.46 13.32 -22.44
N PHE B 252 0.53 13.59 -21.16
CA PHE B 252 1.63 13.14 -20.33
C PHE B 252 1.16 11.89 -19.58
N TYR B 253 1.87 10.79 -19.73
CA TYR B 253 1.43 9.58 -19.05
C TYR B 253 2.60 9.08 -18.23
N GLU B 254 2.29 8.60 -17.03
CA GLU B 254 3.28 8.09 -16.09
C GLU B 254 2.76 6.77 -15.48
N PRO B 255 3.65 5.77 -15.36
CA PRO B 255 3.22 4.47 -14.97
C PRO B 255 2.76 4.42 -13.53
N VAL B 256 1.72 3.63 -13.32
CA VAL B 256 1.26 3.31 -11.99
C VAL B 256 1.94 1.96 -11.70
N LYS B 257 2.84 1.93 -10.72
CA LYS B 257 3.77 0.84 -10.52
C LYS B 257 3.06 -0.52 -10.34
N THR B 258 1.95 -0.58 -9.60
CA THR B 258 1.21 -1.84 -9.45
C THR B 258 0.48 -2.15 -10.73
N GLY B 259 0.99 -3.11 -11.51
CA GLY B 259 0.31 -3.54 -12.70
C GLY B 259 0.68 -2.76 -13.96
N ASP B 260 1.55 -1.77 -13.81
CA ASP B 260 1.93 -0.85 -14.92
C ASP B 260 0.67 -0.33 -15.58
N PHE B 261 -0.26 0.07 -14.78
CA PHE B 261 -1.38 0.93 -15.29
C PHE B 261 -0.72 2.30 -15.63
N SER B 262 -1.48 3.30 -16.00
CA SER B 262 -0.89 4.62 -16.31
C SER B 262 -1.88 5.74 -16.02
N PHE B 263 -1.38 6.79 -15.42
CA PHE B 263 -2.15 7.95 -15.20
C PHE B 263 -1.81 8.94 -16.33
N VAL B 264 -2.87 9.49 -16.94
CA VAL B 264 -2.71 10.33 -18.13
C VAL B 264 -3.23 11.73 -17.86
N LEU B 265 -2.41 12.73 -18.12
CA LEU B 265 -2.80 14.13 -17.99
C LEU B 265 -2.94 14.69 -19.37
N VAL B 266 -4.08 15.30 -19.65
CA VAL B 266 -4.23 15.84 -21.00
C VAL B 266 -4.26 17.35 -20.85
N VAL B 267 -3.29 17.99 -21.47
CA VAL B 267 -2.98 19.41 -21.25
C VAL B 267 -2.94 20.18 -22.59
N PRO B 268 -3.75 21.21 -22.71
CA PRO B 268 -3.75 22.01 -23.94
C PRO B 268 -2.40 22.77 -24.02
N LYS B 269 -1.66 22.53 -25.09
CA LYS B 269 -0.30 23.04 -25.23
C LYS B 269 -0.20 24.54 -25.06
N GLU B 270 -1.19 25.27 -25.56
CA GLU B 270 -1.19 26.72 -25.46
C GLU B 270 -1.50 27.20 -24.03
N GLU B 271 -2.31 26.45 -23.29
CA GLU B 271 -2.58 26.86 -21.93
C GLU B 271 -1.34 26.69 -21.09
N MET B 272 -0.57 25.67 -21.41
CA MET B 272 0.55 25.26 -20.57
C MET B 272 1.62 26.31 -20.69
N LEU B 273 1.74 26.83 -21.91
CA LEU B 273 2.79 27.76 -22.30
C LEU B 273 2.30 29.21 -22.19
N ALA B 274 1.00 29.42 -22.05
CA ALA B 274 0.52 30.75 -21.77
C ALA B 274 0.58 30.98 -20.27
#